data_3ZXG
#
_entry.id   3ZXG
#
_cell.length_a   211.150
_cell.length_b   37.200
_cell.length_c   96.740
_cell.angle_alpha   90.00
_cell.angle_beta   104.03
_cell.angle_gamma   90.00
#
_symmetry.space_group_name_H-M   'C 1 2 1'
#
loop_
_entity.id
_entity.type
_entity.pdbx_description
1 polymer LYSENIN
2 non-polymer 'SULFATE ION'
3 non-polymer TRIMETHYL-[2-[[(2S,3S)-2-(OCTADECANOYLAMINO)-3-OXIDANYL-BUTOXY]-OXIDANYL-PHOSPHORYL]OXYETHYL]AZANIUM
4 water water
#
_entity_poly.entity_id   1
_entity_poly.type   'polypeptide(L)'
_entity_poly.pdbx_seq_one_letter_code
;SAKAAEGYEQIEVDVVAVWKEGYVYENRGSTSVDQKITITKGMKNVNSETRTVTATHSIGSTISTGDAFEIGSVEVSYSH
SHEESQVSMTETEVYESKVIEHTITIPPTSKFTRWQLNADVGGADIEYMYLIDEVTPIGGTQSIPQVITSRAKIIVGRQI
ILGKTEIRIKHAERKEYMTVVSRKSWPAATLGHSKLFKFVLYEDWGGFRIKTLNTMYSGYEYAYSSDQGGIYFDQGTDNP
KQRWAINKSLPLRHGDVVTFMNKYFTRSGLCYDDGPATNVYCLDKREDKWILEVVGLVPRGSGHHHHHH
;
_entity_poly.pdbx_strand_id   A,B
#
# COMPACT_ATOMS: atom_id res chain seq x y z
N ALA A 4 -5.48 3.50 -8.42
CA ALA A 4 -4.54 3.16 -7.36
C ALA A 4 -5.26 2.82 -6.06
N ALA A 5 -6.18 3.70 -5.61
CA ALA A 5 -6.94 3.54 -4.36
C ALA A 5 -8.34 2.94 -4.62
N GLU A 6 -9.14 2.76 -3.54
CA GLU A 6 -10.50 2.21 -3.59
C GLU A 6 -11.37 3.23 -4.34
N GLY A 7 -11.91 2.81 -5.49
CA GLY A 7 -12.73 3.64 -6.36
C GLY A 7 -11.98 4.47 -7.39
N TYR A 8 -10.78 4.02 -7.79
CA TYR A 8 -9.94 4.71 -8.78
C TYR A 8 -9.26 3.70 -9.72
N GLU A 9 -8.90 4.13 -10.94
CA GLU A 9 -8.27 3.25 -11.93
C GLU A 9 -7.06 3.94 -12.58
N GLN A 10 -5.94 3.22 -12.68
CA GLN A 10 -4.73 3.73 -13.31
C GLN A 10 -4.78 3.41 -14.80
N ILE A 11 -4.53 4.41 -15.66
CA ILE A 11 -4.55 4.22 -17.12
C ILE A 11 -3.29 4.78 -17.69
N GLU A 12 -2.54 3.96 -18.47
CA GLU A 12 -1.36 4.44 -19.15
C GLU A 12 -1.85 5.20 -20.37
N VAL A 13 -1.10 6.24 -20.77
CA VAL A 13 -1.52 7.08 -21.87
C VAL A 13 -0.29 7.76 -22.48
N ASP A 14 -0.33 8.05 -23.82
CA ASP A 14 0.80 8.69 -24.52
C ASP A 14 0.79 10.19 -24.23
N VAL A 15 1.96 10.74 -23.89
CA VAL A 15 2.17 12.13 -23.49
C VAL A 15 3.23 12.80 -24.40
N VAL A 16 3.17 14.13 -24.52
CA VAL A 16 4.08 14.91 -25.37
C VAL A 16 5.34 15.31 -24.60
N ALA A 17 6.50 14.68 -24.94
CA ALA A 17 7.77 14.99 -24.28
C ALA A 17 8.72 15.56 -25.31
N VAL A 18 9.59 16.48 -24.89
CA VAL A 18 10.51 17.10 -25.81
C VAL A 18 11.81 17.46 -25.13
N TRP A 19 12.93 17.33 -25.88
CA TRP A 19 14.23 17.75 -25.41
C TRP A 19 14.39 19.22 -25.73
N LYS A 20 15.40 19.83 -25.14
CA LYS A 20 15.67 21.24 -25.31
C LYS A 20 17.08 21.50 -24.86
N GLU A 21 17.84 22.34 -25.55
CA GLU A 21 19.18 22.66 -25.05
C GLU A 21 18.98 23.56 -23.83
N GLY A 22 19.00 22.95 -22.65
CA GLY A 22 18.79 23.63 -21.38
C GLY A 22 19.87 24.64 -21.07
N TYR A 23 21.13 24.20 -21.25
CA TYR A 23 22.32 25.03 -21.05
C TYR A 23 23.41 24.58 -22.02
N VAL A 24 24.14 25.55 -22.59
CA VAL A 24 25.23 25.32 -23.55
C VAL A 24 26.37 26.29 -23.27
N TYR A 25 27.60 25.82 -23.05
CA TYR A 25 28.75 26.70 -22.86
C TYR A 25 29.86 26.33 -23.85
N GLU A 26 30.25 27.26 -24.75
CA GLU A 26 31.29 27.06 -25.77
C GLU A 26 32.59 27.72 -25.32
N ASN A 27 33.54 26.93 -24.82
CA ASN A 27 34.83 27.40 -24.31
C ASN A 27 35.88 27.46 -25.45
N ARG A 28 35.83 28.54 -26.27
CA ARG A 28 36.78 28.71 -27.38
C ARG A 28 38.22 28.96 -26.88
N GLY A 29 38.37 29.43 -25.65
CA GLY A 29 39.68 29.70 -25.08
C GLY A 29 40.37 28.54 -24.41
N SER A 30 41.71 28.64 -24.26
CA SER A 30 42.53 27.64 -23.55
C SER A 30 42.26 27.75 -22.05
N THR A 31 42.47 26.65 -21.29
CA THR A 31 42.18 26.52 -19.86
C THR A 31 40.66 26.60 -19.60
N SER A 32 40.21 26.06 -18.45
CA SER A 32 38.79 26.02 -18.09
C SER A 32 38.31 27.34 -17.45
N VAL A 33 37.13 27.83 -17.88
CA VAL A 33 36.46 29.03 -17.35
C VAL A 33 35.22 28.58 -16.58
N ASP A 34 34.92 29.23 -15.43
CA ASP A 34 33.79 28.83 -14.58
C ASP A 34 32.62 29.80 -14.61
N GLN A 35 31.40 29.21 -14.70
CA GLN A 35 30.10 29.89 -14.70
C GLN A 35 29.17 29.14 -13.74
N LYS A 36 28.16 29.85 -13.24
CA LYS A 36 27.13 29.33 -12.34
C LYS A 36 25.91 28.88 -13.15
N ILE A 37 25.15 27.90 -12.63
CA ILE A 37 23.93 27.41 -13.28
C ILE A 37 23.09 26.65 -12.24
N THR A 38 21.79 26.93 -12.23
CA THR A 38 20.86 26.30 -11.33
C THR A 38 19.54 26.01 -12.07
N ILE A 39 18.94 24.84 -11.77
CA ILE A 39 17.69 24.38 -12.38
C ILE A 39 16.70 24.01 -11.29
N THR A 40 15.45 23.77 -11.68
CA THR A 40 14.36 23.39 -10.79
C THR A 40 13.60 22.21 -11.42
N LYS A 41 13.99 20.98 -11.06
CA LYS A 41 13.36 19.75 -11.56
C LYS A 41 11.99 19.57 -10.89
N GLY A 42 10.92 19.55 -11.69
CA GLY A 42 9.57 19.36 -11.17
C GLY A 42 8.46 20.04 -11.94
N MET A 43 7.20 19.81 -11.51
CA MET A 43 6.02 20.41 -12.13
C MET A 43 5.89 21.87 -11.75
N LYS A 44 5.61 22.73 -12.74
CA LYS A 44 5.42 24.15 -12.48
C LYS A 44 4.04 24.37 -11.85
N ASN A 45 3.94 25.34 -10.93
CA ASN A 45 2.70 25.74 -10.27
C ASN A 45 1.94 24.54 -9.64
N VAL A 46 2.67 23.72 -8.87
CA VAL A 46 2.08 22.58 -8.17
C VAL A 46 1.24 23.12 -6.99
N ASN A 47 0.01 22.62 -6.82
CA ASN A 47 -0.93 23.11 -5.77
C ASN A 47 -0.47 22.75 -4.37
N SER A 48 0.22 21.60 -4.19
CA SER A 48 0.74 21.10 -2.90
C SER A 48 -0.42 20.56 -2.05
N GLU A 49 -1.46 21.39 -1.80
CA GLU A 49 -2.66 20.96 -1.06
C GLU A 49 -3.34 19.76 -1.74
N THR A 50 -3.07 19.52 -3.05
CA THR A 50 -3.61 18.36 -3.77
C THR A 50 -2.70 17.95 -4.95
N ARG A 51 -2.80 16.67 -5.33
CA ARG A 51 -2.09 16.11 -6.47
C ARG A 51 -3.06 15.92 -7.66
N THR A 52 -4.34 16.30 -7.48
CA THR A 52 -5.33 16.20 -8.56
C THR A 52 -5.17 17.42 -9.47
N VAL A 53 -4.85 17.17 -10.76
CA VAL A 53 -4.63 18.22 -11.74
C VAL A 53 -5.76 18.22 -12.77
N THR A 54 -6.40 19.38 -12.95
CA THR A 54 -7.45 19.57 -13.94
C THR A 54 -6.77 19.78 -15.31
N ALA A 55 -7.31 19.20 -16.38
CA ALA A 55 -6.67 19.29 -17.69
C ALA A 55 -6.88 20.64 -18.42
N THR A 56 -5.84 21.05 -19.15
CA THR A 56 -5.79 22.27 -19.97
C THR A 56 -6.15 21.86 -21.41
N HIS A 57 -5.49 20.81 -21.93
CA HIS A 57 -5.70 20.22 -23.25
C HIS A 57 -5.87 18.68 -23.12
N SER A 58 -6.25 17.99 -24.22
CA SER A 58 -6.51 16.54 -24.21
C SER A 58 -5.28 15.63 -24.08
N ILE A 59 -5.54 14.33 -23.85
CA ILE A 59 -4.56 13.23 -23.83
C ILE A 59 -5.25 12.04 -24.49
N GLY A 60 -5.16 11.95 -25.81
CA GLY A 60 -5.86 10.89 -26.52
C GLY A 60 -7.36 10.98 -26.36
N SER A 61 -8.02 9.82 -26.22
CA SER A 61 -9.46 9.71 -26.01
C SER A 61 -9.82 9.61 -24.51
N THR A 62 -8.84 9.26 -23.66
CA THR A 62 -9.07 9.09 -22.22
C THR A 62 -9.36 10.40 -21.50
N ILE A 63 -8.48 11.39 -21.64
CA ILE A 63 -8.61 12.67 -20.98
C ILE A 63 -9.07 13.74 -21.93
N SER A 64 -10.18 14.38 -21.57
CA SER A 64 -10.75 15.54 -22.25
C SER A 64 -10.34 16.76 -21.41
N THR A 65 -10.56 17.98 -21.92
CA THR A 65 -10.23 19.19 -21.16
C THR A 65 -11.17 19.33 -19.96
N GLY A 66 -10.66 19.86 -18.86
CA GLY A 66 -11.42 20.04 -17.64
C GLY A 66 -11.56 18.78 -16.79
N ASP A 67 -10.90 17.67 -17.20
CA ASP A 67 -10.98 16.41 -16.47
C ASP A 67 -9.90 16.33 -15.40
N ALA A 68 -10.24 15.74 -14.26
CA ALA A 68 -9.34 15.60 -13.13
C ALA A 68 -8.59 14.29 -13.21
N PHE A 69 -7.26 14.38 -13.14
CA PHE A 69 -6.40 13.22 -13.16
C PHE A 69 -5.25 13.43 -12.18
N GLU A 70 -4.45 12.39 -12.00
CA GLU A 70 -3.32 12.37 -11.11
C GLU A 70 -2.22 11.61 -11.80
N ILE A 71 -1.00 12.15 -11.81
CA ILE A 71 0.13 11.54 -12.51
C ILE A 71 0.81 10.50 -11.62
N GLY A 72 0.59 9.22 -11.93
CA GLY A 72 1.20 8.11 -11.22
C GLY A 72 2.68 7.99 -11.55
N SER A 73 3.02 8.23 -12.84
CA SER A 73 4.39 8.23 -13.34
C SER A 73 4.46 8.75 -14.77
N VAL A 74 5.66 9.09 -15.21
CA VAL A 74 5.95 9.54 -16.58
C VAL A 74 7.17 8.76 -17.04
N GLU A 75 7.04 8.03 -18.16
CA GLU A 75 8.13 7.20 -18.69
C GLU A 75 8.50 7.63 -20.11
N VAL A 76 9.79 7.88 -20.34
CA VAL A 76 10.30 8.31 -21.64
C VAL A 76 11.42 7.37 -22.11
N SER A 77 11.51 7.14 -23.43
CA SER A 77 12.56 6.36 -24.07
C SER A 77 13.30 7.31 -24.98
N TYR A 78 14.63 7.42 -24.79
CA TYR A 78 15.49 8.36 -25.52
C TYR A 78 16.71 7.67 -26.16
N SER A 79 17.05 8.07 -27.39
CA SER A 79 18.18 7.57 -28.16
C SER A 79 19.25 8.64 -28.21
N HIS A 80 20.38 8.44 -27.52
CA HIS A 80 21.49 9.39 -27.56
C HIS A 80 22.79 8.66 -27.86
N SER A 81 23.57 9.20 -28.79
CA SER A 81 24.85 8.66 -29.25
C SER A 81 24.73 7.17 -29.61
N HIS A 82 23.67 6.82 -30.39
CA HIS A 82 23.37 5.45 -30.82
C HIS A 82 23.37 4.53 -29.59
N GLU A 83 22.50 4.87 -28.63
CA GLU A 83 22.41 4.15 -27.36
C GLU A 83 20.99 4.38 -26.78
N GLU A 84 20.07 3.45 -27.06
CA GLU A 84 18.68 3.56 -26.59
C GLU A 84 18.52 3.16 -25.11
N SER A 85 18.07 4.11 -24.29
CA SER A 85 17.80 3.90 -22.87
C SER A 85 16.46 4.55 -22.52
N GLN A 86 16.00 4.39 -21.27
CA GLN A 86 14.74 4.99 -20.85
C GLN A 86 14.77 5.39 -19.37
N VAL A 87 14.03 6.47 -19.03
CA VAL A 87 13.93 7.00 -17.68
C VAL A 87 12.49 7.05 -17.23
N SER A 88 12.25 6.67 -15.97
CA SER A 88 10.92 6.71 -15.35
C SER A 88 10.94 7.71 -14.19
N MET A 89 9.89 8.54 -14.10
CA MET A 89 9.74 9.56 -13.06
C MET A 89 8.57 9.17 -12.17
N THR A 90 8.83 8.86 -10.89
CA THR A 90 7.77 8.46 -9.97
C THR A 90 6.83 9.65 -9.63
N GLU A 91 5.71 9.36 -8.96
CA GLU A 91 4.73 10.40 -8.61
C GLU A 91 5.32 11.41 -7.64
N THR A 92 6.06 10.97 -6.62
CA THR A 92 6.66 11.90 -5.66
C THR A 92 7.64 12.87 -6.39
N GLU A 93 8.27 12.44 -7.50
CA GLU A 93 9.19 13.31 -8.24
C GLU A 93 8.47 14.38 -9.08
N VAL A 94 7.28 14.09 -9.67
CA VAL A 94 6.61 15.07 -10.53
C VAL A 94 6.04 16.22 -9.69
N TYR A 95 5.38 15.91 -8.55
CA TYR A 95 4.75 16.92 -7.71
C TYR A 95 5.73 17.63 -6.73
N GLU A 96 7.04 17.37 -6.83
CA GLU A 96 8.05 17.96 -5.96
C GLU A 96 8.88 18.99 -6.73
N SER A 97 9.29 20.08 -6.06
CA SER A 97 10.16 21.10 -6.64
C SER A 97 11.58 20.86 -6.13
N LYS A 98 12.38 20.12 -6.91
CA LYS A 98 13.76 19.78 -6.58
C LYS A 98 14.67 20.80 -7.24
N VAL A 99 15.37 21.62 -6.44
CA VAL A 99 16.28 22.65 -6.96
C VAL A 99 17.71 22.11 -6.94
N ILE A 100 18.39 22.15 -8.09
CA ILE A 100 19.77 21.67 -8.25
C ILE A 100 20.65 22.83 -8.71
N GLU A 101 21.82 23.02 -8.04
CA GLU A 101 22.76 24.10 -8.33
C GLU A 101 24.20 23.57 -8.35
N HIS A 102 25.06 24.12 -9.24
CA HIS A 102 26.48 23.76 -9.36
C HIS A 102 27.20 24.57 -10.47
N THR A 103 28.52 24.83 -10.28
CA THR A 103 29.38 25.50 -11.28
C THR A 103 30.07 24.42 -12.11
N ILE A 104 30.64 24.76 -13.29
CA ILE A 104 31.31 23.78 -14.15
C ILE A 104 32.61 24.35 -14.73
N THR A 105 33.61 23.48 -15.00
CA THR A 105 34.87 23.85 -15.65
C THR A 105 34.91 23.00 -16.95
N ILE A 106 34.65 23.64 -18.09
CA ILE A 106 34.59 22.98 -19.40
C ILE A 106 36.03 22.75 -19.88
N PRO A 107 36.38 21.60 -20.53
CA PRO A 107 37.79 21.42 -20.94
C PRO A 107 38.25 22.43 -22.02
N PRO A 108 39.57 22.51 -22.30
CA PRO A 108 40.05 23.49 -23.30
C PRO A 108 39.54 23.18 -24.71
N THR A 109 39.12 24.23 -25.44
CA THR A 109 38.63 24.16 -26.83
C THR A 109 37.51 23.12 -26.96
N SER A 110 36.49 23.22 -26.09
CA SER A 110 35.36 22.29 -26.08
C SER A 110 34.05 23.00 -25.75
N LYS A 111 32.94 22.35 -26.19
CA LYS A 111 31.57 22.80 -26.06
C LYS A 111 30.78 21.88 -25.13
N PHE A 112 30.44 22.36 -23.95
CA PHE A 112 29.60 21.62 -23.01
C PHE A 112 28.14 21.79 -23.43
N THR A 113 27.31 20.75 -23.24
CA THR A 113 25.87 20.77 -23.56
C THR A 113 25.09 19.98 -22.50
N ARG A 114 24.06 20.59 -21.89
CA ARG A 114 23.16 19.94 -20.91
C ARG A 114 21.78 19.92 -21.55
N TRP A 115 21.40 18.77 -22.15
CA TRP A 115 20.10 18.66 -22.82
C TRP A 115 18.99 18.57 -21.75
N GLN A 116 17.89 19.35 -21.92
CA GLN A 116 16.74 19.44 -20.99
C GLN A 116 15.49 18.73 -21.54
N LEU A 117 15.01 17.71 -20.83
CA LEU A 117 13.79 16.97 -21.17
C LEU A 117 12.61 17.50 -20.36
N ASN A 118 11.46 17.75 -21.02
CA ASN A 118 10.24 18.24 -20.38
C ASN A 118 9.00 17.43 -20.86
N ALA A 119 7.88 17.47 -20.11
CA ALA A 119 6.66 16.74 -20.50
C ALA A 119 5.40 17.58 -20.34
N ASP A 120 4.44 17.40 -21.27
CA ASP A 120 3.13 18.07 -21.25
C ASP A 120 2.07 16.98 -21.06
N VAL A 121 1.91 16.50 -19.82
CA VAL A 121 0.97 15.43 -19.53
C VAL A 121 -0.39 16.08 -19.23
N GLY A 122 -1.11 16.40 -20.31
CA GLY A 122 -2.45 16.98 -20.25
C GLY A 122 -2.52 18.41 -19.74
N GLY A 123 -1.48 19.18 -20.02
CA GLY A 123 -1.38 20.56 -19.58
C GLY A 123 -0.23 20.74 -18.64
N ALA A 124 -0.15 19.86 -17.63
CA ALA A 124 0.91 19.85 -16.62
C ALA A 124 2.29 19.93 -17.23
N ASP A 125 3.06 21.00 -16.92
CA ASP A 125 4.40 21.21 -17.47
C ASP A 125 5.44 20.66 -16.49
N ILE A 126 5.94 19.46 -16.77
CA ILE A 126 6.94 18.84 -15.94
C ILE A 126 8.24 19.24 -16.55
N GLU A 127 8.96 20.16 -15.88
CA GLU A 127 10.23 20.70 -16.36
C GLU A 127 11.40 19.92 -15.80
N TYR A 128 12.45 19.76 -16.60
CA TYR A 128 13.69 19.07 -16.27
C TYR A 128 13.44 17.65 -15.74
N MET A 129 12.60 16.88 -16.43
CA MET A 129 12.34 15.48 -16.06
C MET A 129 13.66 14.72 -16.00
N TYR A 130 14.54 15.02 -16.95
CA TYR A 130 15.85 14.39 -17.06
C TYR A 130 16.79 15.30 -17.80
N LEU A 131 18.09 15.02 -17.69
CA LEU A 131 19.11 15.79 -18.39
C LEU A 131 20.32 14.95 -18.63
N ILE A 132 21.08 15.28 -19.68
CA ILE A 132 22.31 14.56 -20.02
C ILE A 132 23.41 15.55 -20.38
N ASP A 133 24.49 15.53 -19.58
CA ASP A 133 25.63 16.44 -19.75
C ASP A 133 26.63 15.86 -20.77
N GLU A 134 26.46 16.25 -22.05
CA GLU A 134 27.29 15.84 -23.18
C GLU A 134 28.32 16.88 -23.42
N VAL A 135 29.55 16.46 -23.63
CA VAL A 135 30.66 17.35 -23.86
C VAL A 135 31.48 16.82 -25.05
N THR A 136 31.73 17.70 -26.02
CA THR A 136 32.43 17.35 -27.26
C THR A 136 33.35 18.51 -27.68
N PRO A 137 34.43 18.24 -28.47
CA PRO A 137 35.32 19.33 -28.89
C PRO A 137 34.61 20.31 -29.82
N ILE A 138 35.13 21.56 -29.93
CA ILE A 138 34.53 22.56 -30.81
C ILE A 138 34.76 22.11 -32.25
N GLY A 139 33.69 22.06 -33.05
CA GLY A 139 33.70 21.56 -34.42
C GLY A 139 33.07 20.19 -34.53
N GLY A 140 33.43 19.28 -33.62
CA GLY A 140 32.91 17.92 -33.56
C GLY A 140 31.41 17.84 -33.41
N THR A 141 30.74 17.10 -34.32
CA THR A 141 29.28 16.98 -34.31
C THR A 141 28.78 16.19 -33.10
N GLN A 142 28.03 16.87 -32.21
CA GLN A 142 27.49 16.23 -31.01
C GLN A 142 26.23 15.45 -31.38
N SER A 143 25.85 14.50 -30.52
CA SER A 143 24.65 13.67 -30.71
C SER A 143 23.41 14.39 -30.20
N ILE A 144 22.34 14.41 -31.01
CA ILE A 144 21.06 15.03 -30.65
C ILE A 144 20.16 13.92 -30.04
N PRO A 145 19.71 14.06 -28.77
CA PRO A 145 18.88 13.01 -28.18
C PRO A 145 17.46 13.12 -28.70
N GLN A 146 16.93 11.99 -29.19
CA GLN A 146 15.59 11.89 -29.77
C GLN A 146 14.66 11.19 -28.79
N VAL A 147 13.35 11.45 -28.89
CA VAL A 147 12.34 10.78 -28.05
C VAL A 147 11.74 9.67 -28.89
N ILE A 148 11.79 8.43 -28.38
CA ILE A 148 11.27 7.24 -29.04
C ILE A 148 9.80 7.09 -28.66
N THR A 149 9.53 6.98 -27.36
CA THR A 149 8.17 6.82 -26.83
C THR A 149 8.05 7.50 -25.46
N SER A 150 7.17 8.50 -25.36
CA SER A 150 6.86 9.24 -24.12
C SER A 150 5.45 8.90 -23.66
N ARG A 151 5.31 8.30 -22.49
CA ARG A 151 4.01 7.87 -21.96
C ARG A 151 3.89 8.21 -20.48
N ALA A 152 2.66 8.15 -19.94
CA ALA A 152 2.44 8.44 -18.52
C ALA A 152 1.35 7.58 -17.95
N LYS A 153 1.44 7.25 -16.67
CA LYS A 153 0.42 6.48 -15.98
C LYS A 153 -0.38 7.44 -15.11
N ILE A 154 -1.67 7.59 -15.42
CA ILE A 154 -2.52 8.53 -14.70
C ILE A 154 -3.64 7.82 -13.96
N ILE A 155 -4.01 8.35 -12.79
CA ILE A 155 -5.11 7.88 -11.94
C ILE A 155 -6.24 8.86 -12.19
N VAL A 156 -7.54 8.45 -12.11
CA VAL A 156 -8.65 9.33 -12.51
C VAL A 156 -10.00 9.16 -11.78
N GLY A 157 -10.44 7.95 -11.49
CA GLY A 157 -11.75 7.72 -10.87
C GLY A 157 -12.54 6.75 -11.70
N ARG A 158 -13.23 5.78 -11.08
CA ARG A 158 -14.02 4.80 -11.82
C ARG A 158 -15.11 5.49 -12.65
N GLN A 159 -15.30 5.07 -13.89
CA GLN A 159 -16.28 5.66 -14.80
C GLN A 159 -17.75 5.44 -14.36
N ILE A 160 -18.53 6.53 -14.24
CA ILE A 160 -19.95 6.49 -13.88
C ILE A 160 -20.72 6.12 -15.15
N ILE A 161 -21.12 4.85 -15.28
CA ILE A 161 -21.88 4.37 -16.45
C ILE A 161 -23.30 4.92 -16.37
N LEU A 162 -23.67 5.81 -17.31
CA LEU A 162 -24.98 6.46 -17.30
C LEU A 162 -26.11 5.44 -17.35
N GLY A 163 -27.14 5.69 -16.57
CA GLY A 163 -28.30 4.82 -16.44
C GLY A 163 -28.03 3.50 -15.74
N LYS A 164 -26.94 3.40 -14.95
CA LYS A 164 -26.58 2.15 -14.26
C LYS A 164 -25.90 2.38 -12.91
N THR A 165 -24.67 2.97 -12.88
CA THR A 165 -23.90 3.16 -11.65
C THR A 165 -24.59 4.10 -10.66
N GLU A 166 -24.79 3.62 -9.41
CA GLU A 166 -25.42 4.40 -8.33
C GLU A 166 -24.37 5.30 -7.70
N ILE A 167 -24.70 6.60 -7.51
CA ILE A 167 -23.76 7.58 -6.95
C ILE A 167 -24.39 8.41 -5.83
N ARG A 168 -23.55 9.21 -5.18
CA ARG A 168 -23.95 10.18 -4.17
C ARG A 168 -23.55 11.55 -4.69
N ILE A 169 -24.43 12.56 -4.55
CA ILE A 169 -24.21 13.91 -5.05
C ILE A 169 -24.00 14.82 -3.84
N LYS A 170 -22.74 14.98 -3.45
CA LYS A 170 -22.34 15.80 -2.30
C LYS A 170 -22.08 17.28 -2.67
N HIS A 171 -22.45 18.21 -1.78
CA HIS A 171 -22.16 19.64 -1.95
C HIS A 171 -20.68 19.81 -1.68
N ALA A 172 -19.95 20.54 -2.53
CA ALA A 172 -18.50 20.71 -2.35
C ALA A 172 -18.15 21.59 -1.13
N GLU A 173 -18.83 22.72 -0.98
CA GLU A 173 -18.58 23.67 0.11
C GLU A 173 -19.08 23.15 1.46
N ARG A 174 -20.34 22.70 1.54
CA ARG A 174 -20.92 22.24 2.81
C ARG A 174 -20.53 20.80 3.17
N LYS A 175 -19.98 20.02 2.24
CA LYS A 175 -19.63 18.62 2.47
C LYS A 175 -20.84 17.84 2.99
N GLU A 176 -22.02 18.15 2.45
CA GLU A 176 -23.27 17.49 2.80
C GLU A 176 -23.84 16.82 1.57
N TYR A 177 -24.45 15.68 1.78
CA TYR A 177 -25.07 14.90 0.72
C TYR A 177 -26.43 15.45 0.36
N MET A 178 -26.84 15.31 -0.91
CA MET A 178 -28.18 15.75 -1.35
C MET A 178 -29.15 14.63 -1.04
N THR A 179 -30.14 14.89 -0.18
CA THR A 179 -31.14 13.89 0.24
C THR A 179 -32.52 14.27 -0.33
N VAL A 180 -33.50 13.37 -0.15
CA VAL A 180 -34.87 13.53 -0.60
C VAL A 180 -35.78 13.47 0.63
N VAL A 181 -36.56 14.54 0.84
CA VAL A 181 -37.49 14.70 1.96
C VAL A 181 -38.84 15.07 1.38
N SER A 182 -39.89 15.04 2.20
CA SER A 182 -41.20 15.47 1.71
C SER A 182 -41.35 16.99 1.93
N ARG A 183 -41.94 17.66 0.94
CA ARG A 183 -42.24 19.08 0.98
C ARG A 183 -43.49 19.30 0.17
N LYS A 184 -44.56 19.79 0.79
CA LYS A 184 -45.84 20.00 0.12
C LYS A 184 -46.34 18.68 -0.55
N SER A 185 -46.24 17.54 0.19
CA SER A 185 -46.66 16.19 -0.23
C SER A 185 -45.96 15.66 -1.48
N TRP A 186 -44.79 16.24 -1.85
CA TRP A 186 -43.99 15.85 -3.02
C TRP A 186 -42.56 15.51 -2.60
N PRO A 187 -41.82 14.69 -3.37
CA PRO A 187 -40.40 14.46 -3.02
C PRO A 187 -39.63 15.75 -3.32
N ALA A 188 -38.80 16.20 -2.37
CA ALA A 188 -38.03 17.43 -2.51
C ALA A 188 -36.60 17.22 -2.09
N ALA A 189 -35.66 17.85 -2.81
CA ALA A 189 -34.25 17.76 -2.49
C ALA A 189 -33.86 18.73 -1.37
N THR A 190 -32.96 18.27 -0.50
CA THR A 190 -32.43 19.05 0.62
C THR A 190 -31.11 18.41 1.07
N LEU A 191 -30.21 19.21 1.62
CA LEU A 191 -28.93 18.71 2.10
C LEU A 191 -29.10 17.95 3.41
N GLY A 192 -28.15 17.07 3.65
CA GLY A 192 -28.09 16.21 4.82
C GLY A 192 -26.75 15.53 4.93
N HIS A 193 -26.54 14.81 6.01
CA HIS A 193 -25.31 14.05 6.25
C HIS A 193 -25.45 12.57 5.89
N SER A 194 -26.69 12.06 5.75
CA SER A 194 -26.96 10.65 5.46
C SER A 194 -26.34 10.20 4.15
N LYS A 195 -25.66 9.04 4.18
CA LYS A 195 -25.03 8.43 3.01
C LYS A 195 -25.94 7.34 2.39
N LEU A 196 -27.23 7.30 2.78
CA LEU A 196 -28.19 6.32 2.26
C LEU A 196 -28.88 6.83 1.00
N PHE A 197 -28.78 8.14 0.70
CA PHE A 197 -29.45 8.74 -0.47
C PHE A 197 -28.58 8.60 -1.71
N LYS A 198 -28.94 7.64 -2.57
CA LYS A 198 -28.24 7.31 -3.80
C LYS A 198 -29.05 7.77 -5.04
N PHE A 199 -28.34 8.03 -6.15
CA PHE A 199 -28.90 8.51 -7.41
C PHE A 199 -28.29 7.82 -8.62
N VAL A 200 -28.95 7.94 -9.79
CA VAL A 200 -28.49 7.37 -11.06
C VAL A 200 -28.62 8.46 -12.11
N LEU A 201 -27.50 8.77 -12.80
CA LEU A 201 -27.48 9.83 -13.81
C LEU A 201 -27.72 9.25 -15.19
N TYR A 202 -28.65 9.88 -15.94
CA TYR A 202 -29.00 9.52 -17.31
C TYR A 202 -28.68 10.72 -18.19
N GLU A 203 -28.74 10.53 -19.49
CA GLU A 203 -28.55 11.59 -20.46
C GLU A 203 -29.23 11.25 -21.74
N ASP A 204 -30.00 12.20 -22.27
CA ASP A 204 -30.73 12.03 -23.51
C ASP A 204 -30.58 13.29 -24.35
N TRP A 205 -31.34 13.39 -25.45
CA TRP A 205 -31.36 14.57 -26.33
C TRP A 205 -31.53 15.89 -25.55
N GLY A 206 -32.37 15.88 -24.52
CA GLY A 206 -32.66 17.05 -23.72
C GLY A 206 -31.64 17.43 -22.64
N GLY A 207 -30.65 16.59 -22.41
CA GLY A 207 -29.62 16.83 -21.40
C GLY A 207 -29.51 15.72 -20.37
N PHE A 208 -28.98 16.06 -19.18
CA PHE A 208 -28.82 15.10 -18.09
C PHE A 208 -30.04 15.04 -17.20
N ARG A 209 -30.22 13.93 -16.49
CA ARG A 209 -31.33 13.73 -15.56
C ARG A 209 -30.78 13.14 -14.28
N ILE A 210 -31.40 13.47 -13.14
CA ILE A 210 -30.96 12.98 -11.83
C ILE A 210 -32.09 12.14 -11.22
N LYS A 211 -32.01 10.82 -11.38
CA LYS A 211 -33.01 9.89 -10.86
C LYS A 211 -32.68 9.49 -9.43
N THR A 212 -33.53 9.86 -8.46
CA THR A 212 -33.32 9.45 -7.07
C THR A 212 -33.80 8.02 -6.88
N LEU A 213 -33.13 7.27 -6.00
CA LEU A 213 -33.52 5.90 -5.66
C LEU A 213 -34.20 5.87 -4.30
N ASN A 214 -34.39 7.05 -3.65
CA ASN A 214 -34.97 7.17 -2.31
C ASN A 214 -36.19 8.13 -2.26
N THR A 215 -37.15 7.95 -3.18
CA THR A 215 -38.38 8.75 -3.18
C THR A 215 -39.43 8.05 -2.29
N MET A 216 -40.14 8.82 -1.46
CA MET A 216 -41.18 8.29 -0.60
C MET A 216 -42.52 8.24 -1.37
N TYR A 217 -42.57 8.82 -2.58
CA TYR A 217 -43.74 8.81 -3.46
C TYR A 217 -43.29 8.16 -4.76
N SER A 218 -43.51 6.83 -4.87
CA SER A 218 -43.03 6.01 -5.99
C SER A 218 -43.50 6.48 -7.37
N GLY A 219 -42.53 6.60 -8.28
CA GLY A 219 -42.74 7.05 -9.65
C GLY A 219 -42.21 8.44 -9.88
N TYR A 220 -42.31 9.29 -8.86
CA TYR A 220 -41.90 10.69 -8.91
C TYR A 220 -40.44 10.74 -8.44
N GLU A 221 -39.52 10.52 -9.40
CA GLU A 221 -38.11 10.26 -9.13
C GLU A 221 -37.06 11.08 -9.93
N TYR A 222 -37.44 12.01 -10.82
CA TYR A 222 -36.46 12.80 -11.58
C TYR A 222 -36.38 14.24 -11.08
N ALA A 223 -35.23 14.63 -10.51
CA ALA A 223 -34.99 15.98 -9.97
C ALA A 223 -35.30 17.06 -10.99
N TYR A 224 -36.07 18.09 -10.59
CA TYR A 224 -36.44 19.21 -11.48
C TYR A 224 -36.66 20.49 -10.70
N SER A 225 -36.50 21.62 -11.38
CA SER A 225 -36.74 22.95 -10.81
C SER A 225 -38.16 23.41 -11.07
N SER A 226 -38.84 23.90 -10.02
CA SER A 226 -40.18 24.47 -10.15
C SER A 226 -40.06 25.91 -10.70
N ASP A 227 -41.20 26.56 -10.97
CA ASP A 227 -41.20 27.96 -11.45
C ASP A 227 -40.78 28.89 -10.30
N GLN A 228 -41.14 28.52 -9.05
CA GLN A 228 -40.77 29.26 -7.83
C GLN A 228 -39.25 29.06 -7.49
N GLY A 229 -38.56 28.10 -8.11
CA GLY A 229 -37.13 27.86 -7.92
C GLY A 229 -36.68 26.63 -7.15
N GLY A 230 -37.56 26.02 -6.35
CA GLY A 230 -37.22 24.85 -5.56
C GLY A 230 -37.04 23.58 -6.35
N ILE A 231 -36.39 22.57 -5.74
CA ILE A 231 -36.11 21.27 -6.39
C ILE A 231 -37.02 20.18 -5.87
N TYR A 232 -37.81 19.58 -6.77
CA TYR A 232 -38.65 18.43 -6.46
C TYR A 232 -38.33 17.32 -7.46
N PHE A 233 -38.94 16.15 -7.27
CA PHE A 233 -38.73 15.02 -8.17
C PHE A 233 -40.07 14.67 -8.79
N ASP A 234 -40.08 14.43 -10.10
CA ASP A 234 -41.29 14.16 -10.87
C ASP A 234 -41.12 12.92 -11.72
N GLN A 235 -42.23 12.35 -12.18
CA GLN A 235 -42.20 11.21 -13.08
C GLN A 235 -41.57 11.64 -14.40
N GLY A 236 -40.81 10.74 -15.00
CA GLY A 236 -40.10 10.97 -16.24
C GLY A 236 -40.98 11.52 -17.35
N THR A 237 -40.58 12.67 -17.89
CA THR A 237 -41.24 13.39 -18.98
C THR A 237 -40.19 13.98 -19.91
N ASP A 238 -40.63 14.58 -21.02
CA ASP A 238 -39.74 15.27 -21.96
C ASP A 238 -39.64 16.74 -21.59
N ASN A 239 -40.04 17.10 -20.35
CA ASN A 239 -40.00 18.46 -19.82
C ASN A 239 -38.56 18.92 -19.60
N PRO A 240 -38.10 20.04 -20.22
CA PRO A 240 -36.74 20.53 -19.96
C PRO A 240 -36.49 21.03 -18.53
N LYS A 241 -37.54 21.22 -17.71
CA LYS A 241 -37.35 21.63 -16.32
C LYS A 241 -36.67 20.50 -15.49
N GLN A 242 -36.79 19.21 -15.90
CA GLN A 242 -36.15 18.09 -15.20
C GLN A 242 -34.84 17.67 -15.89
N ARG A 243 -34.41 18.44 -16.91
CA ARG A 243 -33.17 18.22 -17.63
C ARG A 243 -32.11 19.20 -17.12
N TRP A 244 -30.85 18.76 -17.01
CA TRP A 244 -29.72 19.55 -16.53
C TRP A 244 -28.50 19.48 -17.48
N ALA A 245 -27.65 20.51 -17.41
CA ALA A 245 -26.41 20.60 -18.20
C ALA A 245 -25.21 20.55 -17.25
N ILE A 246 -24.27 19.63 -17.50
CA ILE A 246 -23.08 19.47 -16.66
C ILE A 246 -21.92 20.16 -17.37
N ASN A 247 -21.10 20.92 -16.61
CA ASN A 247 -19.96 21.64 -17.19
C ASN A 247 -18.87 20.70 -17.73
N LYS A 248 -18.61 19.60 -17.04
CA LYS A 248 -17.57 18.64 -17.45
C LYS A 248 -18.01 17.83 -18.66
N SER A 249 -17.03 17.49 -19.50
CA SER A 249 -17.25 16.61 -20.65
C SER A 249 -17.47 15.16 -20.20
N LEU A 250 -18.10 14.34 -21.06
CA LEU A 250 -18.25 12.93 -20.75
C LEU A 250 -16.91 12.24 -20.99
N PRO A 251 -16.60 11.14 -20.30
CA PRO A 251 -17.40 10.42 -19.30
C PRO A 251 -17.32 11.01 -17.92
N LEU A 252 -18.35 10.79 -17.10
CA LEU A 252 -18.32 11.24 -15.71
C LEU A 252 -17.60 10.15 -14.92
N ARG A 253 -16.68 10.54 -14.05
CA ARG A 253 -15.91 9.63 -13.21
C ARG A 253 -16.12 9.91 -11.72
N HIS A 254 -15.69 8.97 -10.89
CA HIS A 254 -15.77 9.08 -9.45
C HIS A 254 -14.93 10.27 -8.96
N GLY A 255 -15.49 11.05 -8.05
CA GLY A 255 -14.84 12.22 -7.47
C GLY A 255 -14.92 13.48 -8.31
N ASP A 256 -15.64 13.46 -9.45
CA ASP A 256 -15.77 14.63 -10.31
C ASP A 256 -16.44 15.78 -9.59
N VAL A 257 -16.02 17.03 -9.88
CA VAL A 257 -16.63 18.23 -9.32
C VAL A 257 -17.34 18.94 -10.46
N VAL A 258 -18.69 18.95 -10.41
CA VAL A 258 -19.53 19.47 -11.50
C VAL A 258 -20.54 20.53 -11.02
N THR A 259 -21.17 21.22 -12.00
CA THR A 259 -22.21 22.22 -11.78
C THR A 259 -23.43 21.86 -12.63
N PHE A 260 -24.60 21.65 -11.99
CA PHE A 260 -25.84 21.31 -12.70
C PHE A 260 -26.63 22.57 -13.05
N MET A 261 -26.67 22.95 -14.34
CA MET A 261 -27.41 24.11 -14.83
C MET A 261 -28.70 23.63 -15.44
N ASN A 262 -29.84 24.22 -15.07
CA ASN A 262 -31.13 23.78 -15.64
C ASN A 262 -31.19 24.09 -17.14
N LYS A 263 -31.94 23.25 -17.86
CA LYS A 263 -32.08 23.38 -19.31
C LYS A 263 -33.18 24.35 -19.69
N TYR A 264 -34.29 24.38 -18.94
CA TYR A 264 -35.37 25.35 -19.19
C TYR A 264 -34.97 26.74 -18.64
N PHE A 265 -34.52 26.78 -17.37
CA PHE A 265 -34.02 27.99 -16.73
C PHE A 265 -32.52 28.05 -16.97
N THR A 266 -32.16 28.32 -18.23
CA THR A 266 -30.79 28.32 -18.78
C THR A 266 -29.75 29.10 -17.95
N ARG A 267 -30.13 30.18 -17.28
CA ARG A 267 -29.20 30.97 -16.46
C ARG A 267 -29.19 30.50 -14.97
N SER A 268 -30.22 29.71 -14.52
CA SER A 268 -30.31 29.21 -13.15
C SER A 268 -29.63 27.86 -12.98
N GLY A 269 -28.90 27.69 -11.87
CA GLY A 269 -28.19 26.44 -11.57
C GLY A 269 -28.44 25.91 -10.16
N LEU A 270 -28.32 24.57 -10.02
CA LEU A 270 -28.52 23.83 -8.77
C LEU A 270 -27.60 24.38 -7.69
N CYS A 271 -28.17 24.76 -6.52
CA CYS A 271 -27.41 25.41 -5.45
C CYS A 271 -28.02 25.18 -4.06
N TYR A 272 -27.36 25.75 -3.03
CA TYR A 272 -27.79 25.74 -1.64
C TYR A 272 -28.40 27.09 -1.30
N ASP A 273 -29.55 27.12 -0.64
CA ASP A 273 -30.16 28.40 -0.25
C ASP A 273 -31.13 28.19 0.91
N ASP A 274 -30.69 28.59 2.13
CA ASP A 274 -31.40 28.51 3.42
C ASP A 274 -32.86 28.83 3.23
N GLY A 275 -33.62 27.85 2.78
CA GLY A 275 -35.03 28.06 2.53
C GLY A 275 -35.89 27.73 3.74
N PRO A 276 -37.22 27.88 3.62
CA PRO A 276 -38.10 27.62 4.77
C PRO A 276 -38.19 26.13 5.12
N ALA A 277 -38.58 25.28 4.15
CA ALA A 277 -38.71 23.85 4.40
C ALA A 277 -37.42 23.11 3.99
N THR A 278 -36.96 23.32 2.75
CA THR A 278 -35.75 22.68 2.22
C THR A 278 -34.69 23.73 1.90
N ASN A 279 -33.47 23.29 1.52
CA ASN A 279 -32.36 24.21 1.21
C ASN A 279 -31.69 23.96 -0.17
N VAL A 280 -32.10 22.95 -0.96
CA VAL A 280 -31.55 22.74 -2.30
C VAL A 280 -32.51 23.39 -3.30
N TYR A 281 -32.03 24.39 -4.04
CA TYR A 281 -32.81 25.17 -5.01
C TYR A 281 -32.10 25.17 -6.38
N CYS A 282 -32.70 25.85 -7.37
CA CYS A 282 -32.14 26.12 -8.70
C CYS A 282 -32.43 27.58 -8.98
N LEU A 283 -31.46 28.44 -8.65
CA LEU A 283 -31.61 29.88 -8.66
C LEU A 283 -30.80 30.59 -9.73
N ASP A 284 -31.30 31.76 -10.16
CA ASP A 284 -30.71 32.61 -11.19
C ASP A 284 -29.33 33.12 -10.77
N LYS A 285 -28.38 33.14 -11.71
CA LYS A 285 -27.00 33.61 -11.48
C LYS A 285 -26.26 32.78 -10.39
N ARG A 286 -26.64 31.51 -10.21
CA ARG A 286 -26.01 30.64 -9.22
C ARG A 286 -25.56 29.34 -9.87
N GLU A 287 -24.30 28.92 -9.60
CA GLU A 287 -23.68 27.75 -10.20
C GLU A 287 -22.82 27.03 -9.15
N ASP A 288 -23.44 26.52 -8.07
CA ASP A 288 -22.69 25.79 -7.02
C ASP A 288 -22.06 24.50 -7.53
N LYS A 289 -20.90 24.15 -6.98
CA LYS A 289 -20.17 22.93 -7.32
C LYS A 289 -20.64 21.73 -6.46
N TRP A 290 -20.76 20.56 -7.10
CA TRP A 290 -21.16 19.31 -6.45
C TRP A 290 -20.16 18.21 -6.77
N ILE A 291 -19.94 17.29 -5.81
CA ILE A 291 -19.01 16.17 -5.97
C ILE A 291 -19.78 14.88 -6.24
N LEU A 292 -19.41 14.15 -7.30
CA LEU A 292 -20.01 12.85 -7.64
C LEU A 292 -19.13 11.77 -7.09
N GLU A 293 -19.70 10.78 -6.39
CA GLU A 293 -18.89 9.68 -5.84
C GLU A 293 -19.66 8.37 -5.91
N VAL A 294 -18.98 7.32 -6.39
CA VAL A 294 -19.56 6.01 -6.58
C VAL A 294 -19.65 5.29 -5.23
N VAL A 295 -20.72 4.50 -5.04
CA VAL A 295 -20.92 3.71 -3.82
C VAL A 295 -20.18 2.36 -4.00
N GLY A 296 -19.44 1.94 -2.96
CA GLY A 296 -18.61 0.73 -2.99
C GLY A 296 -19.41 -0.56 -3.15
N ALA B 5 1.89 -2.19 12.83
CA ALA B 5 0.77 -2.41 13.74
C ALA B 5 1.10 -2.01 15.17
N GLU B 6 0.06 -1.69 15.96
CA GLU B 6 0.24 -1.31 17.36
C GLU B 6 0.61 -2.56 18.17
N GLY B 7 1.69 -2.50 18.94
CA GLY B 7 2.17 -3.62 19.74
C GLY B 7 3.33 -4.36 19.09
N TYR B 8 3.30 -4.50 17.74
CA TYR B 8 4.35 -5.18 16.97
C TYR B 8 5.32 -4.17 16.35
N GLU B 9 6.63 -4.47 16.37
CA GLU B 9 7.62 -3.60 15.75
C GLU B 9 7.63 -3.77 14.22
N GLN B 10 8.24 -2.81 13.50
CA GLN B 10 8.37 -2.81 12.06
C GLN B 10 9.83 -2.48 11.70
N ILE B 11 10.77 -3.25 12.28
CA ILE B 11 12.21 -3.04 12.10
C ILE B 11 12.67 -3.49 10.70
N GLU B 12 13.54 -2.68 10.06
CA GLU B 12 14.11 -2.98 8.74
C GLU B 12 15.42 -3.72 8.94
N VAL B 13 15.66 -4.80 8.17
CA VAL B 13 16.86 -5.64 8.32
C VAL B 13 17.42 -6.11 6.98
N ASP B 14 18.69 -6.55 7.00
CA ASP B 14 19.41 -7.06 5.83
C ASP B 14 19.20 -8.58 5.71
N VAL B 15 18.97 -9.07 4.47
CA VAL B 15 18.72 -10.48 4.17
C VAL B 15 19.71 -10.95 3.10
N VAL B 16 20.18 -12.21 3.19
CA VAL B 16 21.11 -12.76 2.20
C VAL B 16 20.29 -13.26 0.97
N ALA B 17 20.55 -12.65 -0.19
CA ALA B 17 19.88 -12.98 -1.45
C ALA B 17 20.92 -13.47 -2.46
N VAL B 18 20.59 -14.52 -3.26
CA VAL B 18 21.53 -15.15 -4.18
C VAL B 18 20.90 -15.54 -5.54
N TRP B 19 21.63 -15.28 -6.66
CA TRP B 19 21.21 -15.66 -8.01
C TRP B 19 21.61 -17.14 -8.24
N LYS B 20 20.93 -17.86 -9.16
CA LYS B 20 21.20 -19.30 -9.37
C LYS B 20 20.85 -19.78 -10.80
N GLU B 21 21.35 -20.97 -11.18
CA GLU B 21 21.03 -21.65 -12.44
C GLU B 21 19.74 -22.44 -12.26
N GLY B 22 18.89 -22.47 -13.28
CA GLY B 22 17.62 -23.20 -13.27
C GLY B 22 17.58 -24.38 -14.23
N TYR B 23 17.31 -24.08 -15.51
CA TYR B 23 17.17 -25.06 -16.58
C TYR B 23 18.45 -25.13 -17.42
N VAL B 24 18.64 -26.24 -18.15
CA VAL B 24 19.78 -26.47 -19.05
C VAL B 24 19.28 -27.13 -20.33
N TYR B 25 19.45 -26.48 -21.50
CA TYR B 25 19.05 -27.07 -22.79
C TYR B 25 19.86 -26.44 -23.93
N GLU B 26 20.62 -27.28 -24.66
CA GLU B 26 21.50 -26.87 -25.77
C GLU B 26 21.00 -27.35 -27.13
N ASN B 27 21.46 -26.70 -28.22
CA ASN B 27 21.10 -27.08 -29.59
C ASN B 27 22.07 -28.14 -30.10
N ARG B 28 21.66 -28.92 -31.12
CA ARG B 28 22.45 -30.01 -31.68
C ARG B 28 22.31 -30.16 -33.21
N GLY B 29 21.08 -30.31 -33.70
CA GLY B 29 20.79 -30.53 -35.11
C GLY B 29 20.75 -29.33 -36.04
N SER B 30 21.10 -28.11 -35.56
CA SER B 30 21.10 -26.87 -36.34
C SER B 30 19.67 -26.47 -36.76
N THR B 31 18.68 -26.75 -35.88
CA THR B 31 17.26 -26.44 -36.11
C THR B 31 16.63 -25.91 -34.84
N SER B 32 15.51 -25.20 -34.99
CA SER B 32 14.80 -24.61 -33.85
C SER B 32 13.87 -25.63 -33.17
N VAL B 33 14.25 -26.06 -31.95
CA VAL B 33 13.51 -27.03 -31.12
C VAL B 33 12.71 -26.28 -30.06
N ASP B 34 11.46 -26.71 -29.79
CA ASP B 34 10.61 -26.10 -28.77
C ASP B 34 10.61 -26.92 -27.49
N GLN B 35 10.76 -26.25 -26.34
CA GLN B 35 10.80 -26.90 -25.03
C GLN B 35 10.03 -26.10 -23.98
N LYS B 36 9.07 -26.75 -23.32
CA LYS B 36 8.23 -26.16 -22.26
C LYS B 36 9.04 -26.05 -20.95
N ILE B 37 8.91 -24.92 -20.23
CA ILE B 37 9.61 -24.68 -18.95
C ILE B 37 8.61 -24.15 -17.90
N THR B 38 8.47 -24.88 -16.76
CA THR B 38 7.59 -24.52 -15.65
C THR B 38 8.45 -23.97 -14.46
N ILE B 39 7.96 -22.88 -13.84
CA ILE B 39 8.58 -22.13 -12.76
C ILE B 39 7.54 -21.91 -11.66
N THR B 40 7.93 -21.82 -10.37
CA THR B 40 6.99 -21.59 -9.27
C THR B 40 7.52 -20.45 -8.40
N LYS B 41 7.10 -19.20 -8.69
CA LYS B 41 7.51 -18.01 -7.94
C LYS B 41 6.78 -17.99 -6.58
N GLY B 42 7.53 -18.02 -5.49
CA GLY B 42 6.96 -17.99 -4.14
C GLY B 42 7.73 -18.74 -3.07
N MET B 43 7.25 -18.65 -1.82
CA MET B 43 7.87 -19.32 -0.69
C MET B 43 7.56 -20.82 -0.71
N LYS B 44 8.59 -21.65 -0.44
CA LYS B 44 8.45 -23.11 -0.36
C LYS B 44 7.77 -23.50 0.94
N ASN B 45 6.87 -24.51 0.89
CA ASN B 45 6.16 -25.06 2.05
C ASN B 45 5.45 -23.96 2.88
N VAL B 46 4.66 -23.12 2.21
CA VAL B 46 3.88 -22.07 2.87
C VAL B 46 2.69 -22.75 3.59
N ASN B 47 2.45 -22.42 4.87
CA ASN B 47 1.39 -23.05 5.67
C ASN B 47 -0.02 -22.69 5.15
N SER B 48 -0.23 -21.46 4.63
CA SER B 48 -1.51 -20.96 4.10
C SER B 48 -2.44 -20.55 5.25
N GLU B 49 -2.71 -21.48 6.19
CA GLU B 49 -3.52 -21.19 7.38
C GLU B 49 -2.91 -20.05 8.22
N THR B 50 -1.61 -19.74 8.05
CA THR B 50 -0.95 -18.63 8.73
C THR B 50 0.24 -18.08 7.93
N ARG B 51 0.56 -16.81 8.17
CA ARG B 51 1.71 -16.12 7.57
C ARG B 51 2.85 -15.99 8.59
N THR B 52 2.66 -16.53 9.82
CA THR B 52 3.69 -16.49 10.84
C THR B 52 4.66 -17.65 10.57
N VAL B 53 5.95 -17.32 10.32
CA VAL B 53 6.98 -18.32 10.02
C VAL B 53 7.96 -18.41 11.18
N THR B 54 8.18 -19.63 11.68
CA THR B 54 9.15 -19.90 12.75
C THR B 54 10.55 -19.96 12.10
N ALA B 55 11.51 -19.21 12.66
CA ALA B 55 12.86 -19.05 12.08
C ALA B 55 13.80 -20.21 12.36
N THR B 56 14.75 -20.42 11.43
CA THR B 56 15.84 -21.41 11.53
C THR B 56 17.17 -20.62 11.55
N HIS B 57 17.41 -19.78 10.53
CA HIS B 57 18.59 -18.90 10.45
C HIS B 57 18.36 -17.68 11.36
N SER B 58 19.43 -16.95 11.72
CA SER B 58 19.37 -15.76 12.58
C SER B 58 19.94 -14.54 11.86
N ILE B 59 19.12 -13.86 11.03
CA ILE B 59 19.59 -12.66 10.31
C ILE B 59 19.81 -11.49 11.29
N GLY B 60 21.05 -10.99 11.32
CA GLY B 60 21.47 -9.89 12.17
C GLY B 60 21.43 -10.26 13.64
N SER B 61 21.13 -9.27 14.49
CA SER B 61 21.00 -9.42 15.94
C SER B 61 19.54 -9.60 16.38
N THR B 62 18.57 -9.10 15.60
CA THR B 62 17.14 -9.10 15.96
C THR B 62 16.54 -10.53 16.08
N ILE B 63 16.46 -11.30 14.98
CA ILE B 63 15.85 -12.63 15.03
C ILE B 63 16.88 -13.73 15.38
N SER B 64 16.42 -14.72 16.17
CA SER B 64 17.14 -15.91 16.62
C SER B 64 16.37 -17.15 16.15
N THR B 65 16.93 -18.35 16.29
CA THR B 65 16.25 -19.57 15.84
C THR B 65 15.03 -19.85 16.72
N GLY B 66 13.97 -20.37 16.11
CA GLY B 66 12.72 -20.68 16.80
C GLY B 66 11.82 -19.49 17.04
N ASP B 67 12.19 -18.30 16.53
CA ASP B 67 11.40 -17.09 16.73
C ASP B 67 10.37 -16.93 15.62
N ALA B 68 9.19 -16.44 15.99
CA ALA B 68 8.08 -16.22 15.05
C ALA B 68 8.14 -14.85 14.44
N PHE B 69 8.13 -14.77 13.11
CA PHE B 69 8.14 -13.51 12.40
C PHE B 69 7.22 -13.58 11.21
N GLU B 70 7.02 -12.46 10.53
CA GLU B 70 6.15 -12.35 9.37
C GLU B 70 6.84 -11.45 8.38
N ILE B 71 6.89 -11.85 7.09
CA ILE B 71 7.58 -11.08 6.05
C ILE B 71 6.66 -10.03 5.44
N GLY B 72 6.89 -8.77 5.80
CA GLY B 72 6.15 -7.63 5.26
C GLY B 72 6.51 -7.33 3.82
N SER B 73 7.82 -7.41 3.50
CA SER B 73 8.33 -7.17 2.15
C SER B 73 9.83 -7.53 2.04
N VAL B 74 10.28 -7.89 0.83
CA VAL B 74 11.68 -8.24 0.55
C VAL B 74 12.13 -7.34 -0.60
N GLU B 75 13.20 -6.57 -0.41
CA GLU B 75 13.71 -5.62 -1.42
C GLU B 75 15.15 -5.95 -1.83
N VAL B 76 15.39 -6.10 -3.13
CA VAL B 76 16.71 -6.44 -3.67
C VAL B 76 17.09 -5.42 -4.75
N SER B 77 18.40 -5.10 -4.85
CA SER B 77 19.00 -4.25 -5.90
C SER B 77 19.97 -5.15 -6.66
N TYR B 78 19.83 -5.30 -8.01
CA TYR B 78 20.63 -6.26 -8.77
C TYR B 78 21.46 -5.68 -9.94
N SER B 79 22.31 -6.56 -10.53
CA SER B 79 23.14 -6.31 -11.71
C SER B 79 23.42 -7.65 -12.45
N HIS B 80 23.48 -7.62 -13.80
CA HIS B 80 23.69 -8.81 -14.64
C HIS B 80 24.82 -8.58 -15.68
N SER B 81 24.66 -7.53 -16.48
CA SER B 81 25.58 -7.06 -17.51
C SER B 81 25.23 -5.58 -17.73
N HIS B 82 25.54 -4.77 -16.70
CA HIS B 82 25.24 -3.33 -16.61
C HIS B 82 23.73 -3.07 -16.44
N GLU B 83 23.23 -3.26 -15.19
CA GLU B 83 21.86 -2.98 -14.76
C GLU B 83 21.90 -2.31 -13.40
N GLU B 84 21.21 -1.17 -13.23
CA GLU B 84 21.21 -0.40 -11.98
C GLU B 84 19.75 -0.11 -11.54
N SER B 85 19.04 -1.13 -11.06
CA SER B 85 17.64 -0.98 -10.67
C SER B 85 17.30 -1.79 -9.41
N GLN B 86 16.13 -1.48 -8.82
CA GLN B 86 15.61 -2.09 -7.58
C GLN B 86 14.27 -2.81 -7.80
N VAL B 87 14.08 -3.95 -7.11
CA VAL B 87 12.87 -4.79 -7.15
C VAL B 87 12.34 -4.98 -5.74
N SER B 88 11.02 -4.84 -5.54
CA SER B 88 10.39 -5.05 -4.22
C SER B 88 9.30 -6.11 -4.34
N MET B 89 9.25 -7.04 -3.37
CA MET B 89 8.28 -8.12 -3.34
C MET B 89 7.34 -7.89 -2.17
N THR B 90 6.06 -7.63 -2.44
CA THR B 90 5.09 -7.39 -1.36
C THR B 90 4.79 -8.67 -0.55
N GLU B 91 4.07 -8.53 0.56
CA GLU B 91 3.76 -9.67 1.43
C GLU B 91 2.86 -10.68 0.71
N THR B 92 1.83 -10.21 -0.02
CA THR B 92 0.96 -11.14 -0.75
C THR B 92 1.77 -11.97 -1.79
N GLU B 93 2.87 -11.43 -2.33
CA GLU B 93 3.68 -12.15 -3.30
C GLU B 93 4.56 -13.25 -2.66
N VAL B 94 5.10 -13.04 -1.43
CA VAL B 94 5.99 -14.04 -0.82
C VAL B 94 5.19 -15.28 -0.39
N TYR B 95 4.02 -15.09 0.23
CA TYR B 95 3.21 -16.20 0.74
C TYR B 95 2.30 -16.85 -0.33
N GLU B 96 2.44 -16.47 -1.61
CA GLU B 96 1.64 -17.01 -2.71
C GLU B 96 2.49 -17.92 -3.59
N SER B 97 1.89 -19.01 -4.12
CA SER B 97 2.57 -19.90 -5.06
C SER B 97 2.10 -19.57 -6.47
N LYS B 98 2.85 -18.71 -7.16
CA LYS B 98 2.55 -18.26 -8.52
C LYS B 98 3.29 -19.16 -9.49
N VAL B 99 2.56 -19.96 -10.28
CA VAL B 99 3.18 -20.89 -11.24
C VAL B 99 3.16 -20.22 -12.62
N ILE B 100 4.34 -20.14 -13.26
CA ILE B 100 4.50 -19.52 -14.59
C ILE B 100 5.03 -20.58 -15.57
N GLU B 101 4.38 -20.70 -16.74
CA GLU B 101 4.72 -21.67 -17.79
C GLU B 101 4.75 -21.01 -19.17
N HIS B 102 5.68 -21.45 -20.05
CA HIS B 102 5.80 -20.95 -21.43
C HIS B 102 6.89 -21.69 -22.20
N THR B 103 6.59 -22.02 -23.48
CA THR B 103 7.51 -22.76 -24.36
C THR B 103 8.54 -21.82 -24.94
N ILE B 104 9.81 -22.27 -25.02
CA ILE B 104 10.92 -21.48 -25.54
C ILE B 104 11.54 -22.21 -26.73
N THR B 105 11.90 -21.45 -27.76
CA THR B 105 12.48 -21.97 -28.99
C THR B 105 13.98 -21.71 -28.98
N ILE B 106 14.79 -22.78 -28.83
CA ILE B 106 16.26 -22.63 -28.80
C ILE B 106 16.80 -22.39 -30.23
N PRO B 107 17.48 -21.26 -30.50
CA PRO B 107 17.99 -21.00 -31.87
C PRO B 107 19.13 -21.93 -32.30
N PRO B 108 19.49 -21.94 -33.61
CA PRO B 108 20.55 -22.86 -34.07
C PRO B 108 21.92 -22.52 -33.47
N THR B 109 22.67 -23.57 -33.06
CA THR B 109 24.01 -23.47 -32.48
C THR B 109 24.04 -22.49 -31.30
N SER B 110 23.11 -22.68 -30.34
CA SER B 110 22.99 -21.82 -29.15
C SER B 110 22.59 -22.62 -27.91
N LYS B 111 22.71 -22.01 -26.72
CA LYS B 111 22.31 -22.64 -25.45
C LYS B 111 21.39 -21.72 -24.66
N PHE B 112 20.37 -22.31 -24.02
CA PHE B 112 19.41 -21.59 -23.17
C PHE B 112 19.62 -21.97 -21.72
N THR B 113 19.52 -20.98 -20.82
CA THR B 113 19.67 -21.19 -19.37
C THR B 113 18.77 -20.23 -18.60
N ARG B 114 17.88 -20.75 -17.73
CA ARG B 114 17.01 -19.90 -16.93
C ARG B 114 17.74 -19.52 -15.64
N TRP B 115 17.88 -18.21 -15.36
CA TRP B 115 18.55 -17.69 -14.16
C TRP B 115 17.52 -17.41 -13.04
N GLN B 116 17.61 -18.20 -11.96
CA GLN B 116 16.74 -18.16 -10.78
C GLN B 116 17.30 -17.21 -9.70
N LEU B 117 16.43 -16.76 -8.77
CA LEU B 117 16.78 -15.86 -7.66
C LEU B 117 16.13 -16.38 -6.37
N ASN B 118 16.91 -16.60 -5.33
CA ASN B 118 16.43 -17.14 -4.05
C ASN B 118 16.80 -16.21 -2.90
N ALA B 119 15.81 -15.87 -2.02
CA ALA B 119 16.02 -15.03 -0.85
C ALA B 119 15.83 -15.85 0.42
N ASP B 120 16.84 -15.85 1.33
CA ASP B 120 16.79 -16.59 2.59
C ASP B 120 16.52 -15.61 3.74
N VAL B 121 15.23 -15.36 4.02
CA VAL B 121 14.85 -14.43 5.08
C VAL B 121 14.53 -15.25 6.36
N GLY B 122 15.58 -15.50 7.14
CA GLY B 122 15.49 -16.24 8.40
C GLY B 122 15.11 -17.72 8.27
N GLY B 123 15.54 -18.36 7.17
CA GLY B 123 15.24 -19.75 6.86
C GLY B 123 14.33 -19.88 5.66
N ALA B 124 13.19 -19.16 5.69
CA ALA B 124 12.19 -19.13 4.62
C ALA B 124 12.84 -18.93 3.27
N ASP B 125 12.63 -19.87 2.34
CA ASP B 125 13.21 -19.86 1.00
C ASP B 125 12.21 -19.29 0.00
N ILE B 126 12.42 -18.02 -0.43
CA ILE B 126 11.57 -17.34 -1.42
C ILE B 126 12.11 -17.63 -2.80
N GLU B 127 11.67 -18.74 -3.41
CA GLU B 127 12.12 -19.15 -4.74
C GLU B 127 11.59 -18.23 -5.85
N TYR B 128 12.49 -17.85 -6.79
CA TYR B 128 12.18 -17.05 -7.98
C TYR B 128 11.55 -15.68 -7.64
N MET B 129 12.19 -14.90 -6.75
CA MET B 129 11.72 -13.53 -6.42
C MET B 129 11.64 -12.69 -7.72
N TYR B 130 12.59 -12.96 -8.63
CA TYR B 130 12.72 -12.36 -9.95
C TYR B 130 13.40 -13.37 -10.88
N LEU B 131 13.29 -13.18 -12.19
CA LEU B 131 13.89 -14.07 -13.17
C LEU B 131 14.53 -13.27 -14.29
N ILE B 132 15.50 -13.90 -14.97
CA ILE B 132 16.23 -13.27 -16.06
C ILE B 132 16.81 -14.39 -16.98
N ASP B 133 15.90 -15.11 -17.65
CA ASP B 133 16.25 -16.24 -18.54
C ASP B 133 17.01 -15.77 -19.79
N GLU B 134 18.27 -16.22 -19.93
CA GLU B 134 19.14 -15.80 -21.04
C GLU B 134 19.55 -16.91 -22.00
N VAL B 135 19.95 -16.43 -23.19
CA VAL B 135 20.31 -17.26 -24.33
C VAL B 135 21.51 -16.63 -25.05
N THR B 136 22.53 -17.44 -25.30
CA THR B 136 23.79 -17.01 -25.91
C THR B 136 24.31 -18.09 -26.86
N PRO B 137 25.14 -17.74 -27.88
CA PRO B 137 25.66 -18.76 -28.80
C PRO B 137 26.59 -19.75 -28.08
N ILE B 138 26.78 -20.95 -28.65
CA ILE B 138 27.67 -21.96 -28.05
C ILE B 138 29.10 -21.43 -28.18
N GLY B 139 29.82 -21.40 -27.05
CA GLY B 139 31.17 -20.85 -26.96
C GLY B 139 31.18 -19.50 -26.26
N GLY B 140 30.26 -18.62 -26.65
CA GLY B 140 30.13 -17.27 -26.10
C GLY B 140 29.90 -17.24 -24.60
N THR B 141 30.73 -16.48 -23.87
CA THR B 141 30.66 -16.37 -22.42
C THR B 141 29.38 -15.65 -21.98
N GLN B 142 28.49 -16.37 -21.28
CA GLN B 142 27.23 -15.81 -20.79
C GLN B 142 27.50 -14.98 -19.52
N SER B 143 26.68 -13.95 -19.31
CA SER B 143 26.83 -13.00 -18.22
C SER B 143 26.28 -13.55 -16.89
N ILE B 144 27.12 -13.53 -15.82
CA ILE B 144 26.75 -14.01 -14.49
C ILE B 144 26.23 -12.81 -13.66
N PRO B 145 25.05 -12.89 -12.98
CA PRO B 145 24.56 -11.73 -12.22
C PRO B 145 25.04 -11.65 -10.77
N GLN B 146 24.86 -10.43 -10.17
CA GLN B 146 25.23 -10.11 -8.79
C GLN B 146 24.18 -9.22 -8.12
N VAL B 147 24.22 -9.18 -6.76
CA VAL B 147 23.32 -8.38 -5.92
C VAL B 147 24.08 -7.20 -5.30
N ILE B 148 23.43 -6.04 -5.20
CA ILE B 148 24.01 -4.82 -4.64
C ILE B 148 23.63 -4.74 -3.17
N THR B 149 22.32 -4.73 -2.89
CA THR B 149 21.78 -4.64 -1.53
C THR B 149 20.47 -5.42 -1.42
N SER B 150 20.46 -6.46 -0.57
CA SER B 150 19.28 -7.30 -0.29
C SER B 150 18.79 -7.00 1.14
N ARG B 151 17.69 -6.23 1.28
CA ARG B 151 17.09 -5.84 2.58
C ARG B 151 15.60 -6.21 2.67
N ALA B 152 15.12 -6.56 3.87
CA ALA B 152 13.73 -6.94 4.09
C ALA B 152 13.14 -6.27 5.32
N LYS B 153 11.86 -5.83 5.23
CA LYS B 153 11.16 -5.25 6.37
C LYS B 153 10.42 -6.41 7.02
N ILE B 154 10.47 -6.52 8.36
CA ILE B 154 9.91 -7.64 9.11
C ILE B 154 9.04 -7.17 10.28
N ILE B 155 8.16 -8.08 10.75
CA ILE B 155 7.24 -7.88 11.88
C ILE B 155 7.46 -9.06 12.85
N VAL B 156 7.62 -8.80 14.17
CA VAL B 156 7.86 -9.89 15.15
C VAL B 156 7.11 -9.78 16.50
N GLY B 157 7.05 -8.58 17.10
CA GLY B 157 6.44 -8.37 18.41
C GLY B 157 7.45 -7.72 19.35
N ARG B 158 7.03 -6.70 20.11
CA ARG B 158 7.93 -5.99 21.05
C ARG B 158 8.52 -6.98 22.07
N GLN B 159 9.86 -6.95 22.28
CA GLN B 159 10.54 -7.85 23.21
C GLN B 159 10.08 -7.64 24.66
N ILE B 160 9.64 -8.72 25.32
CA ILE B 160 9.23 -8.70 26.72
C ILE B 160 10.50 -8.75 27.57
N ILE B 161 10.94 -7.59 28.09
CA ILE B 161 12.15 -7.50 28.93
C ILE B 161 11.84 -8.11 30.29
N LEU B 162 12.49 -9.24 30.62
CA LEU B 162 12.22 -9.96 31.86
C LEU B 162 12.49 -9.08 33.08
N GLY B 163 11.59 -9.19 34.05
CA GLY B 163 11.64 -8.40 35.28
C GLY B 163 11.33 -6.92 35.10
N LYS B 164 10.65 -6.54 33.99
CA LYS B 164 10.34 -5.13 33.72
C LYS B 164 9.01 -4.94 32.96
N THR B 165 8.92 -5.41 31.70
CA THR B 165 7.72 -5.21 30.86
C THR B 165 6.47 -5.91 31.42
N GLU B 166 5.39 -5.13 31.61
CA GLU B 166 4.11 -5.63 32.12
C GLU B 166 3.32 -6.26 30.98
N ILE B 167 2.79 -7.47 31.18
CA ILE B 167 2.05 -8.19 30.14
C ILE B 167 0.72 -8.75 30.65
N ARG B 168 -0.08 -9.28 29.72
CA ARG B 168 -1.33 -9.97 29.99
C ARG B 168 -1.16 -11.41 29.50
N ILE B 169 -1.62 -12.39 30.28
CA ILE B 169 -1.47 -13.81 29.95
C ILE B 169 -2.85 -14.35 29.61
N LYS B 170 -3.25 -14.38 28.34
CA LYS B 170 -4.58 -14.87 27.99
C LYS B 170 -4.54 -16.27 27.40
N HIS B 171 -5.64 -17.00 27.57
CA HIS B 171 -5.78 -18.38 27.07
C HIS B 171 -5.87 -18.35 25.53
N ALA B 172 -5.48 -19.45 24.90
CA ALA B 172 -5.52 -19.57 23.44
C ALA B 172 -6.86 -20.14 22.94
N GLU B 173 -7.37 -21.19 23.61
CA GLU B 173 -8.61 -21.87 23.24
C GLU B 173 -9.83 -21.11 23.71
N ARG B 174 -9.91 -20.85 25.02
CA ARG B 174 -11.05 -20.19 25.63
C ARG B 174 -11.03 -18.68 25.39
N LYS B 175 -9.85 -18.09 25.05
CA LYS B 175 -9.71 -16.67 24.75
C LYS B 175 -10.20 -15.82 25.95
N GLU B 176 -9.47 -15.91 27.07
CA GLU B 176 -9.78 -15.19 28.31
C GLU B 176 -8.50 -14.83 29.04
N TYR B 177 -8.50 -13.71 29.77
CA TYR B 177 -7.32 -13.27 30.51
C TYR B 177 -7.21 -14.00 31.85
N MET B 178 -5.98 -14.23 32.31
CA MET B 178 -5.75 -14.86 33.61
C MET B 178 -5.81 -13.77 34.66
N THR B 179 -6.77 -13.86 35.59
CA THR B 179 -6.96 -12.87 36.66
C THR B 179 -6.60 -13.48 38.02
N VAL B 180 -6.60 -12.64 39.06
CA VAL B 180 -6.29 -13.01 40.43
C VAL B 180 -7.50 -12.68 41.30
N VAL B 181 -8.04 -13.71 41.96
CA VAL B 181 -9.21 -13.62 42.84
C VAL B 181 -8.85 -14.23 44.18
N SER B 182 -9.69 -14.05 45.19
CA SER B 182 -9.42 -14.68 46.47
C SER B 182 -10.03 -16.09 46.49
N ARG B 183 -9.29 -17.04 47.07
CA ARG B 183 -9.74 -18.42 47.24
C ARG B 183 -9.08 -18.94 48.49
N LYS B 184 -9.88 -19.32 49.49
CA LYS B 184 -9.37 -19.79 50.77
C LYS B 184 -8.41 -18.74 51.42
N SER B 185 -8.82 -17.44 51.38
CA SER B 185 -8.10 -16.29 51.94
C SER B 185 -6.70 -16.06 51.33
N TRP B 186 -6.42 -16.63 50.14
CA TRP B 186 -5.14 -16.52 49.43
C TRP B 186 -5.37 -15.98 48.01
N PRO B 187 -4.35 -15.35 47.36
CA PRO B 187 -4.55 -14.95 45.96
C PRO B 187 -4.55 -16.20 45.09
N ALA B 188 -5.54 -16.33 44.20
CA ALA B 188 -5.67 -17.49 43.33
C ALA B 188 -5.93 -17.07 41.91
N ALA B 189 -5.35 -17.81 40.95
CA ALA B 189 -5.54 -17.53 39.54
C ALA B 189 -6.85 -18.13 39.03
N THR B 190 -7.52 -17.40 38.13
CA THR B 190 -8.77 -17.80 37.49
C THR B 190 -8.94 -16.98 36.21
N LEU B 191 -9.60 -17.56 35.19
CA LEU B 191 -9.82 -16.88 33.93
C LEU B 191 -10.91 -15.84 34.03
N GLY B 192 -10.72 -14.72 33.34
CA GLY B 192 -11.66 -13.61 33.29
C GLY B 192 -11.52 -12.79 32.02
N HIS B 193 -12.47 -11.89 31.78
CA HIS B 193 -12.45 -11.00 30.61
C HIS B 193 -11.73 -9.68 30.89
N SER B 194 -11.54 -9.32 32.17
CA SER B 194 -10.90 -8.07 32.57
C SER B 194 -9.48 -7.94 32.03
N LYS B 195 -9.17 -6.76 31.46
CA LYS B 195 -7.83 -6.44 30.93
C LYS B 195 -7.01 -5.61 31.96
N LEU B 196 -7.44 -5.57 33.23
CA LEU B 196 -6.75 -4.85 34.29
C LEU B 196 -5.70 -5.71 34.98
N PHE B 197 -5.76 -7.05 34.78
CA PHE B 197 -4.84 -7.97 35.44
C PHE B 197 -3.56 -8.11 34.64
N LYS B 198 -2.49 -7.45 35.12
CA LYS B 198 -1.17 -7.42 34.50
C LYS B 198 -0.17 -8.26 35.31
N PHE B 199 0.88 -8.75 34.62
CA PHE B 199 1.94 -9.59 35.19
C PHE B 199 3.32 -9.21 34.69
N VAL B 200 4.37 -9.68 35.39
CA VAL B 200 5.76 -9.44 35.02
C VAL B 200 6.50 -10.78 35.10
N LEU B 201 7.13 -11.18 33.99
CA LEU B 201 7.84 -12.46 33.91
C LEU B 201 9.30 -12.29 34.27
N TYR B 202 9.80 -13.15 35.16
CA TYR B 202 11.19 -13.21 35.60
C TYR B 202 11.76 -14.57 35.22
N GLU B 203 13.06 -14.73 35.35
CA GLU B 203 13.72 -15.99 35.09
C GLU B 203 15.01 -16.05 35.86
N ASP B 204 15.25 -17.15 36.54
CA ASP B 204 16.49 -17.35 37.28
C ASP B 204 16.93 -18.82 37.08
N TRP B 205 17.92 -19.28 37.85
CA TRP B 205 18.43 -20.65 37.80
C TRP B 205 17.31 -21.71 37.84
N GLY B 206 16.28 -21.49 38.64
CA GLY B 206 15.18 -22.42 38.81
C GLY B 206 14.12 -22.44 37.74
N GLY B 207 14.14 -21.48 36.83
CA GLY B 207 13.17 -21.38 35.75
C GLY B 207 12.48 -20.04 35.74
N PHE B 208 11.30 -19.99 35.09
CA PHE B 208 10.50 -18.76 34.96
C PHE B 208 9.58 -18.57 36.14
N ARG B 209 9.19 -17.33 36.39
CA ARG B 209 8.27 -16.96 37.48
C ARG B 209 7.23 -16.01 36.94
N ILE B 210 6.00 -16.07 37.48
CA ILE B 210 4.90 -15.22 37.04
C ILE B 210 4.47 -14.34 38.21
N LYS B 211 4.97 -13.09 38.25
CA LYS B 211 4.66 -12.14 39.31
C LYS B 211 3.41 -11.34 38.96
N THR B 212 2.33 -11.49 39.73
CA THR B 212 1.11 -10.72 39.49
C THR B 212 1.28 -9.33 40.10
N LEU B 213 0.67 -8.32 39.45
CA LEU B 213 0.67 -6.94 39.94
C LEU B 213 -0.67 -6.59 40.58
N ASN B 214 -1.61 -7.57 40.64
CA ASN B 214 -2.97 -7.36 41.15
C ASN B 214 -3.35 -8.35 42.28
N THR B 215 -2.47 -8.49 43.29
CA THR B 215 -2.75 -9.35 44.45
C THR B 215 -3.48 -8.52 45.50
N MET B 216 -4.53 -9.09 46.11
CA MET B 216 -5.29 -8.42 47.17
C MET B 216 -4.61 -8.68 48.54
N TYR B 217 -3.61 -9.56 48.59
CA TYR B 217 -2.83 -9.87 49.79
C TYR B 217 -1.37 -9.55 49.45
N SER B 218 -0.93 -8.33 49.78
CA SER B 218 0.40 -7.82 49.42
C SER B 218 1.57 -8.67 49.91
N GLY B 219 2.48 -8.97 48.97
CA GLY B 219 3.66 -9.79 49.20
C GLY B 219 3.55 -11.16 48.56
N TYR B 220 2.34 -11.77 48.62
CA TYR B 220 2.04 -13.06 48.04
C TYR B 220 1.67 -12.80 46.57
N GLU B 221 2.70 -12.82 45.68
CA GLU B 221 2.60 -12.39 44.29
C GLU B 221 3.21 -13.31 43.21
N TYR B 222 3.80 -14.48 43.54
CA TYR B 222 4.38 -15.36 42.51
C TYR B 222 3.53 -16.61 42.30
N ALA B 223 2.93 -16.74 41.10
CA ALA B 223 2.08 -17.88 40.73
C ALA B 223 2.76 -19.22 40.97
N TYR B 224 2.06 -20.15 41.64
CA TYR B 224 2.60 -21.49 41.95
C TYR B 224 1.49 -22.52 42.04
N SER B 225 1.86 -23.79 41.81
CA SER B 225 0.95 -24.92 41.91
C SER B 225 0.98 -25.53 43.29
N SER B 226 -0.19 -25.76 43.89
CA SER B 226 -0.31 -26.45 45.17
C SER B 226 -0.15 -27.96 44.97
N ASP B 227 -0.13 -28.75 46.06
CA ASP B 227 -0.05 -30.21 45.97
C ASP B 227 -1.37 -30.77 45.42
N GLN B 228 -2.49 -30.10 45.76
CA GLN B 228 -3.84 -30.46 45.28
C GLN B 228 -4.02 -30.07 43.77
N GLY B 229 -3.12 -29.26 43.19
CA GLY B 229 -3.16 -28.89 41.77
C GLY B 229 -3.55 -27.47 41.40
N GLY B 230 -4.21 -26.74 42.29
CA GLY B 230 -4.65 -25.37 42.01
C GLY B 230 -3.54 -24.34 41.98
N ILE B 231 -3.81 -23.17 41.39
CA ILE B 231 -2.82 -22.09 41.25
C ILE B 231 -3.10 -20.96 42.23
N TYR B 232 -2.13 -20.67 43.10
CA TYR B 232 -2.17 -19.54 44.02
C TYR B 232 -0.91 -18.74 43.84
N PHE B 233 -0.80 -17.60 44.54
CA PHE B 233 0.38 -16.74 44.47
C PHE B 233 0.98 -16.66 45.85
N ASP B 234 2.30 -16.79 45.93
CA ASP B 234 3.05 -16.82 47.19
C ASP B 234 4.21 -15.86 47.15
N GLN B 235 4.74 -15.53 48.32
CA GLN B 235 5.91 -14.67 48.43
C GLN B 235 7.11 -15.38 47.82
N GLY B 236 7.96 -14.61 47.16
CA GLY B 236 9.14 -15.11 46.49
C GLY B 236 10.01 -16.01 47.35
N THR B 237 10.26 -17.23 46.86
CA THR B 237 11.08 -18.25 47.51
C THR B 237 11.89 -18.98 46.44
N ASP B 238 12.78 -19.89 46.85
CA ASP B 238 13.56 -20.73 45.94
C ASP B 238 12.82 -22.05 45.69
N ASN B 239 11.49 -22.06 45.93
CA ASN B 239 10.69 -23.26 45.81
C ASN B 239 10.42 -23.54 44.36
N PRO B 240 10.71 -24.76 43.86
CA PRO B 240 10.40 -25.06 42.45
C PRO B 240 8.91 -25.13 42.12
N LYS B 241 8.01 -25.17 43.12
CA LYS B 241 6.57 -25.18 42.84
C LYS B 241 6.10 -23.83 42.23
N GLN B 242 6.83 -22.71 42.48
CA GLN B 242 6.49 -21.38 41.90
C GLN B 242 7.36 -21.08 40.66
N ARG B 243 8.15 -22.06 40.20
CA ARG B 243 8.99 -21.96 39.01
C ARG B 243 8.29 -22.69 37.86
N TRP B 244 8.47 -22.16 36.63
CA TRP B 244 7.86 -22.71 35.42
C TRP B 244 8.85 -22.86 34.30
N ALA B 245 8.51 -23.69 33.31
CA ALA B 245 9.31 -23.90 32.10
C ALA B 245 8.48 -23.51 30.86
N ILE B 246 9.03 -22.62 30.02
CA ILE B 246 8.34 -22.15 28.82
C ILE B 246 8.91 -22.92 27.62
N ASN B 247 8.04 -23.39 26.71
CA ASN B 247 8.48 -24.16 25.54
C ASN B 247 9.31 -23.31 24.55
N LYS B 248 8.95 -22.04 24.36
CA LYS B 248 9.66 -21.16 23.44
C LYS B 248 11.01 -20.71 24.00
N SER B 249 11.98 -20.53 23.11
CA SER B 249 13.30 -20.00 23.44
C SER B 249 13.23 -18.50 23.74
N LEU B 250 14.22 -17.98 24.46
CA LEU B 250 14.28 -16.55 24.73
C LEU B 250 14.77 -15.86 23.46
N PRO B 251 14.39 -14.59 23.21
CA PRO B 251 13.58 -13.70 24.04
C PRO B 251 12.09 -13.91 23.84
N LEU B 252 11.29 -13.56 24.86
CA LEU B 252 9.85 -13.62 24.72
C LEU B 252 9.41 -12.31 24.08
N ARG B 253 8.53 -12.38 23.10
CA ARG B 253 8.00 -11.22 22.39
C ARG B 253 6.50 -11.12 22.51
N HIS B 254 5.94 -9.97 22.14
CA HIS B 254 4.51 -9.71 22.15
C HIS B 254 3.79 -10.67 21.19
N GLY B 255 2.67 -11.22 21.64
CA GLY B 255 1.87 -12.15 20.86
C GLY B 255 2.35 -13.60 20.86
N ASP B 256 3.41 -13.92 21.62
CA ASP B 256 3.93 -15.29 21.68
C ASP B 256 2.90 -16.25 22.22
N VAL B 257 2.88 -17.49 21.71
CA VAL B 257 2.00 -18.56 22.19
C VAL B 257 2.87 -19.59 22.89
N VAL B 258 2.73 -19.69 24.22
CA VAL B 258 3.58 -20.53 25.07
C VAL B 258 2.79 -21.49 25.96
N THR B 259 3.52 -22.46 26.57
CA THR B 259 2.98 -23.44 27.51
C THR B 259 3.81 -23.41 28.81
N PHE B 260 3.18 -23.13 29.95
CA PHE B 260 3.87 -23.07 31.24
C PHE B 260 3.82 -24.44 31.94
N MET B 261 4.96 -25.14 31.99
CA MET B 261 5.09 -26.45 32.66
C MET B 261 5.72 -26.25 34.01
N ASN B 262 5.15 -26.83 35.09
CA ASN B 262 5.70 -26.67 36.45
C ASN B 262 7.03 -27.37 36.59
N LYS B 263 7.95 -26.76 37.38
CA LYS B 263 9.30 -27.28 37.56
C LYS B 263 9.34 -28.41 38.60
N TYR B 264 8.53 -28.31 39.67
CA TYR B 264 8.46 -29.38 40.67
C TYR B 264 7.59 -30.54 40.13
N PHE B 265 6.39 -30.21 39.63
CA PHE B 265 5.47 -31.16 39.00
C PHE B 265 5.79 -31.17 37.52
N THR B 266 6.95 -31.76 37.18
CA THR B 266 7.57 -31.79 35.85
C THR B 266 6.63 -32.23 34.71
N ARG B 267 5.66 -33.12 34.97
CA ARG B 267 4.73 -33.59 33.93
C ARG B 267 3.43 -32.75 33.91
N SER B 268 3.14 -31.95 34.97
CA SER B 268 1.94 -31.11 35.07
C SER B 268 2.17 -29.72 34.50
N GLY B 269 1.20 -29.20 33.74
CA GLY B 269 1.27 -27.88 33.13
C GLY B 269 0.05 -27.00 33.36
N LEU B 270 0.27 -25.67 33.35
CA LEU B 270 -0.74 -24.63 33.56
C LEU B 270 -1.87 -24.82 32.55
N CYS B 271 -3.14 -24.90 33.04
CA CYS B 271 -4.30 -25.19 32.19
C CYS B 271 -5.60 -24.63 32.76
N TYR B 272 -6.70 -24.87 32.02
CA TYR B 272 -8.07 -24.52 32.40
C TYR B 272 -8.80 -25.77 32.88
N ASP B 273 -9.50 -25.70 34.01
CA ASP B 273 -10.24 -26.85 34.50
C ASP B 273 -11.35 -26.39 35.44
N ASP B 274 -12.50 -26.03 34.87
CA ASP B 274 -13.79 -25.72 35.47
C ASP B 274 -13.93 -26.35 36.91
N GLY B 275 -13.23 -25.73 37.85
CA GLY B 275 -13.15 -26.14 39.25
C GLY B 275 -14.27 -25.55 40.08
N PRO B 276 -14.26 -25.82 41.40
CA PRO B 276 -15.37 -25.32 42.24
C PRO B 276 -15.31 -23.80 42.44
N ALA B 277 -14.19 -23.26 42.95
CA ALA B 277 -14.06 -21.83 43.17
C ALA B 277 -13.39 -21.14 41.98
N THR B 278 -12.22 -21.65 41.55
CA THR B 278 -11.47 -21.09 40.42
C THR B 278 -11.37 -22.10 39.29
N ASN B 279 -10.81 -21.70 38.12
CA ASN B 279 -10.68 -22.60 36.97
C ASN B 279 -9.26 -22.68 36.37
N VAL B 280 -8.25 -21.95 36.89
CA VAL B 280 -6.87 -22.06 36.41
C VAL B 280 -6.15 -23.03 37.36
N TYR B 281 -5.66 -24.16 36.83
CA TYR B 281 -4.98 -25.22 37.57
C TYR B 281 -3.62 -25.54 36.92
N CYS B 282 -2.89 -26.50 37.50
CA CYS B 282 -1.64 -27.08 36.97
C CYS B 282 -1.77 -28.57 37.15
N LEU B 283 -2.26 -29.24 36.10
CA LEU B 283 -2.64 -30.65 36.13
C LEU B 283 -1.74 -31.55 35.31
N ASP B 284 -1.66 -32.83 35.72
CA ASP B 284 -0.87 -33.87 35.09
C ASP B 284 -1.32 -34.16 33.67
N LYS B 285 -0.37 -34.37 32.74
CA LYS B 285 -0.63 -34.66 31.33
C LYS B 285 -1.40 -33.52 30.61
N ARG B 286 -1.27 -32.27 31.10
CA ARG B 286 -1.95 -31.12 30.51
C ARG B 286 -0.96 -30.02 30.18
N GLU B 287 -1.03 -29.47 28.96
CA GLU B 287 -0.10 -28.46 28.46
C GLU B 287 -0.86 -27.41 27.62
N ASP B 288 -1.80 -26.66 28.25
CA ASP B 288 -2.58 -25.65 27.51
C ASP B 288 -1.71 -24.50 27.03
N LYS B 289 -2.07 -23.93 25.86
CA LYS B 289 -1.38 -22.80 25.24
C LYS B 289 -1.92 -21.46 25.79
N TRP B 290 -1.01 -20.51 26.03
CA TRP B 290 -1.33 -19.16 26.51
C TRP B 290 -0.67 -18.12 25.61
N ILE B 291 -1.34 -16.97 25.42
CA ILE B 291 -0.85 -15.88 24.60
C ILE B 291 -0.31 -14.75 25.50
N LEU B 292 0.93 -14.30 25.24
CA LEU B 292 1.55 -13.19 25.97
C LEU B 292 1.35 -11.93 25.17
N GLU B 293 0.91 -10.83 25.80
CA GLU B 293 0.71 -9.58 25.08
C GLU B 293 1.08 -8.39 25.95
N VAL B 294 1.84 -7.46 25.39
CA VAL B 294 2.34 -6.28 26.09
C VAL B 294 1.22 -5.23 26.18
N VAL B 295 1.19 -4.50 27.31
CA VAL B 295 0.22 -3.44 27.52
C VAL B 295 0.78 -2.13 26.92
N GLY B 296 -0.06 -1.38 26.20
CA GLY B 296 0.32 -0.15 25.50
C GLY B 296 0.79 0.99 26.41
N LEU B 297 2.03 0.89 26.96
CA LEU B 297 2.62 1.93 27.81
C LEU B 297 2.96 3.18 26.98
#